data_6LX9
#
_entry.id   6LX9
#
_cell.length_a   44.721
_cell.length_b   61.494
_cell.length_c   52.874
_cell.angle_alpha   90.000
_cell.angle_beta   106.580
_cell.angle_gamma   90.000
#
_symmetry.space_group_name_H-M   'P 1 21 1'
#
loop_
_entity.id
_entity.type
_entity.pdbx_description
1 polymer 'Peroxisome proliferator-activated receptor alpha'
2 non-polymer GLYCEROL
3 non-polymer 'ARACHIDONIC ACID'
4 water water
#
_entity_poly.entity_id   1
_entity_poly.type   'polypeptide(L)'
_entity_poly.pdbx_seq_one_letter_code
;GSHMTADLKSLAKRIYEAYLKNFNMNKVKARVILSGKASNNPPFVIHDMETLCMAEKTLVAKLVANGIQNKEAEVRIFHC
CQCTSVETVTELTEFAKAIPGFANLDLNDQVTLLKYGVYEAIFAMLSSVMNKDGMLVAYGNGFITREFLKSLRKPFCDIM
EPKFDFAMKFNALELDDSDISLFVAAIICCGDRPGLLNVGHIEKMQEGIVHVLRLHLQSNHPDDIFLFPKLLQKMADLRQ
LVTEHAQLVQIIKKTESDAALHPLLQEIYRDMY
;
_entity_poly.pdbx_strand_id   A
#
# COMPACT_ATOMS: atom_id res chain seq x y z
N MET A 4 9.01 32.27 -14.58
CA MET A 4 7.90 31.97 -15.48
C MET A 4 7.88 30.49 -15.88
N THR A 5 8.26 29.65 -14.93
CA THR A 5 8.35 28.21 -15.13
C THR A 5 7.69 27.51 -13.95
N ALA A 6 7.45 26.22 -14.13
CA ALA A 6 6.89 25.40 -13.06
C ALA A 6 7.84 25.37 -11.87
N ASP A 7 7.27 25.44 -10.66
CA ASP A 7 8.04 25.34 -9.42
C ASP A 7 7.91 23.89 -8.93
N LEU A 8 8.91 23.11 -9.28
CA LEU A 8 8.89 21.69 -9.00
C LEU A 8 9.08 21.43 -7.51
N LYS A 9 9.83 22.28 -6.81
CA LYS A 9 9.98 22.12 -5.38
C LYS A 9 8.64 22.33 -4.67
N SER A 10 7.88 23.34 -5.09
CA SER A 10 6.56 23.57 -4.52
C SER A 10 5.63 22.40 -4.80
N LEU A 11 5.68 21.84 -6.02
N LEU A 11 5.69 21.85 -6.02
CA LEU A 11 4.84 20.70 -6.35
CA LEU A 11 4.85 20.71 -6.35
C LEU A 11 5.19 19.50 -5.50
C LEU A 11 5.20 19.50 -5.47
N ALA A 12 6.49 19.27 -5.26
CA ALA A 12 6.87 18.17 -4.39
C ALA A 12 6.31 18.37 -2.99
N LYS A 13 6.33 19.60 -2.47
CA LYS A 13 5.79 19.86 -1.15
C LYS A 13 4.28 19.69 -1.12
N ARG A 14 3.57 20.08 -2.17
CA ARG A 14 2.14 19.88 -2.24
C ARG A 14 1.80 18.39 -2.16
N ILE A 15 2.53 17.58 -2.91
N ILE A 15 2.53 17.57 -2.88
CA ILE A 15 2.30 16.14 -2.93
CA ILE A 15 2.22 16.14 -2.90
C ILE A 15 2.53 15.56 -1.54
C ILE A 15 2.55 15.51 -1.55
N TYR A 16 3.66 15.92 -0.92
CA TYR A 16 3.95 15.49 0.46
C TYR A 16 2.83 15.86 1.42
N GLU A 17 2.37 17.09 1.34
CA GLU A 17 1.33 17.53 2.27
C GLU A 17 0.03 16.79 2.02
N ALA A 18 -0.28 16.48 0.78
CA ALA A 18 -1.47 15.69 0.49
C ALA A 18 -1.33 14.27 1.02
N TYR A 19 -0.12 13.75 1.03
N TYR A 19 -0.12 13.74 0.98
CA TYR A 19 0.08 12.39 1.55
CA TYR A 19 0.14 12.41 1.55
C TYR A 19 -0.07 12.38 3.06
C TYR A 19 -0.13 12.42 3.04
N LEU A 20 0.46 13.40 3.74
CA LEU A 20 0.30 13.46 5.19
C LEU A 20 -1.15 13.66 5.57
N LYS A 21 -1.93 14.38 4.76
CA LYS A 21 -3.33 14.60 5.05
C LYS A 21 -4.17 13.35 4.82
N ASN A 22 -3.88 12.59 3.78
CA ASN A 22 -4.83 11.58 3.35
C ASN A 22 -4.54 10.16 3.82
N PHE A 23 -3.32 9.83 4.23
CA PHE A 23 -3.05 8.48 4.70
C PHE A 23 -3.03 8.45 6.21
N ASN A 24 -3.73 7.47 6.79
CA ASN A 24 -3.78 7.40 8.25
C ASN A 24 -2.44 7.04 8.84
N MET A 25 -1.60 6.34 8.07
CA MET A 25 -0.31 5.93 8.53
C MET A 25 0.75 6.58 7.67
N ASN A 26 1.80 7.03 8.30
CA ASN A 26 2.96 7.48 7.55
C ASN A 26 4.19 6.92 8.25
N LYS A 27 5.36 7.13 7.65
CA LYS A 27 6.53 6.44 8.13
C LYS A 27 6.97 6.96 9.50
N VAL A 28 6.88 8.26 9.72
CA VAL A 28 7.18 8.81 11.06
C VAL A 28 6.22 8.23 12.13
N LYS A 29 4.91 8.27 11.86
CA LYS A 29 3.96 7.73 12.83
C LYS A 29 4.27 6.27 13.12
N ALA A 30 4.58 5.50 12.08
CA ALA A 30 4.85 4.08 12.26
C ALA A 30 6.10 3.86 13.07
N ARG A 31 7.15 4.63 12.80
CA ARG A 31 8.39 4.46 13.54
C ARG A 31 8.24 4.82 15.01
N VAL A 32 7.44 5.84 15.34
CA VAL A 32 7.20 6.15 16.75
C VAL A 32 6.60 4.94 17.45
N ILE A 33 5.59 4.31 16.82
CA ILE A 33 4.96 3.15 17.43
C ILE A 33 5.94 2.00 17.53
N LEU A 34 6.64 1.69 16.44
CA LEU A 34 7.52 0.54 16.36
C LEU A 34 8.68 0.70 17.33
N SER A 35 9.03 1.93 17.73
CA SER A 35 10.13 2.17 18.67
C SER A 35 9.77 1.82 20.12
N GLY A 36 8.49 1.71 20.44
CA GLY A 36 8.07 1.56 21.82
C GLY A 36 7.81 2.84 22.57
N LYS A 37 7.52 3.95 21.88
CA LYS A 37 7.27 5.24 22.52
C LYS A 37 5.79 5.57 22.63
N ALA A 38 4.90 4.64 22.25
CA ALA A 38 3.45 4.87 22.35
C ALA A 38 3.03 4.60 23.79
N SER A 39 3.14 5.62 24.64
CA SER A 39 2.79 5.41 26.03
C SER A 39 1.30 5.27 26.27
N ASN A 40 0.46 5.68 25.32
CA ASN A 40 -0.99 5.51 25.44
C ASN A 40 -1.44 4.62 24.29
N ASN A 41 -2.21 3.59 24.59
CA ASN A 41 -2.66 2.66 23.56
C ASN A 41 -1.53 2.10 22.69
N PRO A 42 -0.53 1.48 23.30
CA PRO A 42 0.54 0.79 22.56
C PRO A 42 -0.02 -0.40 21.80
N PRO A 43 0.70 -0.87 20.78
CA PRO A 43 0.17 -1.95 19.93
C PRO A 43 0.11 -3.27 20.69
N PHE A 44 -0.97 -3.99 20.48
CA PHE A 44 -1.04 -5.34 20.99
C PHE A 44 -0.25 -6.31 20.10
N VAL A 45 0.62 -7.12 20.70
CA VAL A 45 1.49 -8.01 19.94
C VAL A 45 0.75 -9.30 19.66
N ILE A 46 0.62 -9.64 18.39
CA ILE A 46 -0.05 -10.85 17.91
C ILE A 46 1.05 -11.76 17.41
N HIS A 47 1.38 -12.82 18.18
CA HIS A 47 2.48 -13.71 17.81
C HIS A 47 2.05 -15.16 17.78
N ASP A 48 0.80 -15.44 18.12
CA ASP A 48 0.33 -16.83 18.18
C ASP A 48 -1.19 -16.76 18.16
N MET A 49 -1.85 -17.93 18.17
N MET A 49 -1.83 -17.92 18.19
CA MET A 49 -3.31 -17.94 18.09
CA MET A 49 -3.28 -17.98 18.11
C MET A 49 -3.95 -17.32 19.33
C MET A 49 -3.94 -17.34 19.32
N GLU A 50 -3.41 -17.59 20.52
CA GLU A 50 -3.99 -16.97 21.72
C GLU A 50 -4.02 -15.45 21.60
N THR A 51 -2.90 -14.86 21.20
CA THR A 51 -2.84 -13.39 21.12
C THR A 51 -3.62 -12.86 19.92
N LEU A 52 -3.69 -13.58 18.79
CA LEU A 52 -4.62 -13.17 17.74
C LEU A 52 -6.02 -13.04 18.30
N CYS A 53 -6.49 -14.06 19.01
CA CYS A 53 -7.88 -14.08 19.44
C CYS A 53 -8.14 -13.00 20.49
N MET A 54 -7.17 -12.76 21.37
CA MET A 54 -7.30 -11.63 22.31
C MET A 54 -7.42 -10.31 21.54
N ALA A 55 -6.55 -10.11 20.55
CA ALA A 55 -6.55 -8.83 19.85
C ALA A 55 -7.88 -8.65 19.13
N GLU A 56 -8.40 -9.68 18.48
CA GLU A 56 -9.68 -9.58 17.82
C GLU A 56 -10.77 -9.18 18.77
N LYS A 57 -10.77 -9.79 19.98
CA LYS A 57 -11.87 -9.52 20.90
C LYS A 57 -11.87 -8.07 21.32
N THR A 58 -10.71 -7.43 21.35
CA THR A 58 -10.68 -6.02 21.71
C THR A 58 -10.86 -5.14 20.51
N LEU A 59 -10.21 -5.42 19.39
CA LEU A 59 -10.08 -4.48 18.29
C LEU A 59 -11.09 -4.67 17.17
N VAL A 60 -11.57 -5.88 16.92
CA VAL A 60 -12.55 -6.11 15.86
C VAL A 60 -13.62 -7.04 16.43
N ALA A 61 -14.23 -6.64 17.55
CA ALA A 61 -15.04 -7.59 18.32
C ALA A 61 -16.18 -8.20 17.51
N LYS A 62 -16.80 -7.41 16.64
N LYS A 62 -16.81 -7.41 16.63
CA LYS A 62 -17.92 -7.90 15.83
CA LYS A 62 -17.93 -7.93 15.86
C LYS A 62 -17.52 -9.13 15.03
C LYS A 62 -17.52 -9.15 15.03
N LEU A 63 -16.26 -9.19 14.57
CA LEU A 63 -15.83 -10.27 13.70
C LEU A 63 -15.80 -11.61 14.44
N VAL A 64 -15.69 -11.60 15.75
CA VAL A 64 -15.59 -12.82 16.53
C VAL A 64 -16.75 -12.98 17.52
N ALA A 65 -17.85 -12.26 17.26
CA ALA A 65 -19.02 -12.25 18.13
C ALA A 65 -20.05 -13.27 17.71
N ASN A 66 -19.67 -14.24 16.89
CA ASN A 66 -20.59 -15.18 16.28
C ASN A 66 -20.49 -16.58 16.89
N GLY A 67 -19.68 -16.78 17.93
CA GLY A 67 -19.62 -18.10 18.56
C GLY A 67 -19.12 -19.17 17.62
N ILE A 68 -19.81 -20.31 17.61
CA ILE A 68 -19.42 -21.42 16.74
C ILE A 68 -19.44 -21.02 15.28
N GLN A 69 -20.15 -19.95 14.93
N GLN A 69 -20.15 -19.94 14.93
CA GLN A 69 -20.25 -19.46 13.55
CA GLN A 69 -20.25 -19.46 13.56
C GLN A 69 -19.11 -18.52 13.16
C GLN A 69 -19.12 -18.51 13.17
N ASN A 70 -18.23 -18.15 14.09
CA ASN A 70 -17.04 -17.40 13.69
C ASN A 70 -16.28 -18.18 12.61
N LYS A 71 -15.71 -17.45 11.66
CA LYS A 71 -14.93 -18.07 10.60
C LYS A 71 -13.60 -18.52 11.16
N GLU A 72 -12.93 -19.39 10.39
CA GLU A 72 -11.61 -19.90 10.74
C GLU A 72 -10.62 -18.73 10.89
N ALA A 73 -9.64 -18.88 11.79
CA ALA A 73 -8.70 -17.81 12.05
C ALA A 73 -8.11 -17.23 10.76
N GLU A 74 -7.69 -18.08 9.84
CA GLU A 74 -7.00 -17.59 8.65
C GLU A 74 -7.93 -16.77 7.80
N VAL A 75 -9.20 -17.15 7.73
CA VAL A 75 -10.19 -16.41 6.98
C VAL A 75 -10.48 -15.07 7.64
N ARG A 76 -10.58 -15.04 8.98
CA ARG A 76 -10.70 -13.76 9.69
C ARG A 76 -9.51 -12.86 9.40
N ILE A 77 -8.31 -13.40 9.42
CA ILE A 77 -7.12 -12.60 9.10
C ILE A 77 -7.21 -12.04 7.68
N PHE A 78 -7.54 -12.90 6.72
CA PHE A 78 -7.68 -12.43 5.33
C PHE A 78 -8.76 -11.36 5.23
N HIS A 79 -9.85 -11.47 5.99
CA HIS A 79 -10.88 -10.45 5.95
C HIS A 79 -10.32 -9.12 6.46
N CYS A 80 -9.55 -9.16 7.54
CA CYS A 80 -8.91 -7.94 8.05
C CYS A 80 -7.89 -7.36 7.09
N CYS A 81 -7.16 -8.21 6.38
CA CYS A 81 -6.27 -7.70 5.34
C CYS A 81 -7.07 -6.94 4.28
N GLN A 82 -8.21 -7.48 3.89
CA GLN A 82 -9.05 -6.83 2.88
C GLN A 82 -9.60 -5.51 3.38
N CYS A 83 -10.01 -5.43 4.66
CA CYS A 83 -10.50 -4.16 5.17
C CYS A 83 -9.42 -3.12 5.11
N THR A 84 -8.17 -3.51 5.38
CA THR A 84 -7.06 -2.57 5.29
C THR A 84 -6.90 -2.08 3.84
N SER A 85 -6.96 -2.98 2.86
CA SER A 85 -6.84 -2.56 1.46
C SER A 85 -7.97 -1.62 1.07
N VAL A 86 -9.20 -1.90 1.47
CA VAL A 86 -10.33 -1.05 1.11
C VAL A 86 -10.10 0.35 1.63
N GLU A 87 -9.61 0.47 2.85
CA GLU A 87 -9.33 1.78 3.43
C GLU A 87 -8.20 2.48 2.68
N THR A 88 -7.13 1.74 2.35
CA THR A 88 -6.01 2.37 1.65
C THR A 88 -6.42 2.78 0.24
N VAL A 89 -7.28 2.02 -0.40
CA VAL A 89 -7.83 2.41 -1.69
C VAL A 89 -8.59 3.75 -1.59
N THR A 90 -9.40 3.94 -0.54
CA THR A 90 -10.12 5.19 -0.34
C THR A 90 -9.15 6.33 -0.16
N GLU A 91 -8.10 6.12 0.65
CA GLU A 91 -7.10 7.16 0.89
C GLU A 91 -6.35 7.50 -0.39
N LEU A 92 -6.01 6.48 -1.20
CA LEU A 92 -5.28 6.73 -2.46
C LEU A 92 -6.14 7.51 -3.44
N THR A 93 -7.44 7.26 -3.44
CA THR A 93 -8.33 7.92 -4.38
C THR A 93 -8.42 9.42 -4.09
N GLU A 94 -8.42 9.80 -2.82
CA GLU A 94 -8.39 11.21 -2.48
C GLU A 94 -7.02 11.81 -2.70
N PHE A 95 -5.93 11.09 -2.35
CA PHE A 95 -4.58 11.56 -2.60
C PHE A 95 -4.35 11.90 -4.07
N ALA A 96 -4.90 11.09 -4.99
CA ALA A 96 -4.61 11.28 -6.40
C ALA A 96 -5.11 12.62 -6.91
N LYS A 97 -6.08 13.23 -6.23
CA LYS A 97 -6.50 14.58 -6.67
C LYS A 97 -5.37 15.59 -6.59
N ALA A 98 -4.35 15.36 -5.76
CA ALA A 98 -3.28 16.33 -5.66
C ALA A 98 -2.28 16.23 -6.81
N ILE A 99 -2.34 15.16 -7.62
CA ILE A 99 -1.37 14.93 -8.68
C ILE A 99 -1.73 15.83 -9.86
N PRO A 100 -0.84 16.71 -10.34
CA PRO A 100 -1.20 17.60 -11.44
C PRO A 100 -1.68 16.84 -12.65
N GLY A 101 -2.85 17.19 -13.11
CA GLY A 101 -3.42 16.58 -14.28
C GLY A 101 -4.41 15.46 -14.03
N PHE A 102 -4.34 14.84 -12.85
CA PHE A 102 -5.13 13.63 -12.63
C PHE A 102 -6.63 13.94 -12.64
N ALA A 103 -7.03 15.02 -11.91
CA ALA A 103 -8.44 15.40 -11.86
C ALA A 103 -8.95 15.94 -13.19
N ASN A 104 -8.05 16.28 -14.13
CA ASN A 104 -8.47 16.74 -15.45
C ASN A 104 -8.70 15.61 -16.42
N LEU A 105 -8.32 14.39 -16.07
CA LEU A 105 -8.56 13.26 -16.94
C LEU A 105 -10.04 12.86 -16.91
N ASP A 106 -10.45 12.16 -17.96
CA ASP A 106 -11.76 11.56 -17.97
C ASP A 106 -11.93 10.64 -16.75
N LEU A 107 -13.14 10.62 -16.20
CA LEU A 107 -13.39 9.76 -15.05
C LEU A 107 -12.97 8.32 -15.29
N ASN A 108 -13.20 7.78 -16.50
CA ASN A 108 -12.87 6.38 -16.73
C ASN A 108 -11.37 6.11 -16.67
N ASP A 109 -10.55 7.05 -17.17
CA ASP A 109 -9.10 6.96 -17.06
C ASP A 109 -8.66 7.07 -15.61
N GLN A 110 -9.28 7.98 -14.83
CA GLN A 110 -8.96 8.01 -13.40
C GLN A 110 -9.22 6.66 -12.77
N VAL A 111 -10.33 6.03 -13.12
CA VAL A 111 -10.65 4.72 -12.55
C VAL A 111 -9.61 3.69 -12.97
N THR A 112 -9.21 3.68 -14.23
CA THR A 112 -8.24 2.70 -14.71
C THR A 112 -6.90 2.88 -14.04
N LEU A 113 -6.43 4.14 -13.92
CA LEU A 113 -5.16 4.36 -13.26
C LEU A 113 -5.19 3.87 -11.81
N LEU A 114 -6.27 4.17 -11.09
CA LEU A 114 -6.38 3.70 -9.70
C LEU A 114 -6.48 2.18 -9.65
N LYS A 115 -7.23 1.59 -10.59
CA LYS A 115 -7.41 0.13 -10.59
C LYS A 115 -6.07 -0.60 -10.61
N TYR A 116 -5.15 -0.19 -11.49
CA TYR A 116 -3.86 -0.85 -11.64
C TYR A 116 -2.82 -0.34 -10.67
N GLY A 117 -2.99 0.88 -10.19
CA GLY A 117 -1.97 1.46 -9.35
C GLY A 117 -2.18 1.18 -7.88
N VAL A 118 -3.41 0.93 -7.42
CA VAL A 118 -3.61 0.92 -5.96
C VAL A 118 -2.78 -0.17 -5.26
N TYR A 119 -2.76 -1.42 -5.78
CA TYR A 119 -2.01 -2.43 -5.06
C TYR A 119 -0.52 -2.22 -5.14
N GLU A 120 0.01 -1.63 -6.23
CA GLU A 120 1.43 -1.31 -6.25
C GLU A 120 1.72 -0.28 -5.17
N ALA A 121 0.86 0.75 -5.07
CA ALA A 121 1.05 1.73 -4.01
C ALA A 121 0.87 1.10 -2.62
N ILE A 122 -0.14 0.22 -2.45
CA ILE A 122 -0.34 -0.44 -1.17
C ILE A 122 0.93 -1.15 -0.72
N PHE A 123 1.55 -1.92 -1.62
CA PHE A 123 2.69 -2.70 -1.16
C PHE A 123 3.93 -1.82 -0.97
N ALA A 124 4.03 -0.71 -1.73
CA ALA A 124 5.11 0.23 -1.43
C ALA A 124 4.97 0.83 -0.03
N MET A 125 3.77 1.32 0.28
CA MET A 125 3.55 1.95 1.58
C MET A 125 3.51 0.97 2.73
N LEU A 126 3.18 -0.28 2.47
CA LEU A 126 3.17 -1.26 3.54
C LEU A 126 4.57 -1.42 4.13
N SER A 127 5.60 -1.17 3.33
CA SER A 127 6.96 -1.25 3.83
C SER A 127 7.16 -0.36 5.03
N SER A 128 6.46 0.78 5.07
CA SER A 128 6.64 1.71 6.17
C SER A 128 6.19 1.16 7.51
N VAL A 129 5.30 0.16 7.54
CA VAL A 129 4.80 -0.42 8.78
C VAL A 129 5.42 -1.77 9.04
N MET A 130 6.41 -2.16 8.25
CA MET A 130 7.06 -3.46 8.38
C MET A 130 8.47 -3.30 8.89
N ASN A 131 8.88 -4.20 9.78
CA ASN A 131 10.28 -4.47 10.05
C ASN A 131 10.53 -5.96 9.84
N LYS A 132 11.76 -6.41 10.15
CA LYS A 132 12.08 -7.79 9.82
C LYS A 132 11.30 -8.79 10.69
N ASP A 133 10.69 -8.30 11.76
CA ASP A 133 9.97 -9.18 12.68
C ASP A 133 8.46 -9.16 12.56
N GLY A 134 7.87 -8.17 11.90
CA GLY A 134 6.42 -8.07 11.92
C GLY A 134 5.96 -6.75 11.35
N MET A 135 4.67 -6.49 11.52
CA MET A 135 4.07 -5.32 10.86
C MET A 135 2.96 -4.73 11.75
N LEU A 136 2.80 -3.40 11.64
CA LEU A 136 1.71 -2.73 12.33
C LEU A 136 0.42 -2.90 11.58
N VAL A 137 -0.65 -3.15 12.31
CA VAL A 137 -1.98 -3.33 11.74
C VAL A 137 -3.01 -2.62 12.60
N ALA A 138 -4.23 -2.57 12.08
CA ALA A 138 -5.37 -2.02 12.83
C ALA A 138 -5.11 -0.62 13.32
N TYR A 139 -4.76 0.26 12.38
CA TYR A 139 -4.60 1.67 12.69
C TYR A 139 -3.56 1.87 13.77
N GLY A 140 -2.48 1.08 13.70
CA GLY A 140 -1.38 1.19 14.64
C GLY A 140 -1.58 0.55 15.97
N ASN A 141 -2.66 -0.21 16.14
CA ASN A 141 -3.00 -0.80 17.43
C ASN A 141 -2.64 -2.25 17.57
N GLY A 142 -2.08 -2.87 16.54
CA GLY A 142 -1.58 -4.22 16.66
C GLY A 142 -0.24 -4.32 15.98
N PHE A 143 0.57 -5.27 16.42
CA PHE A 143 1.81 -5.66 15.76
C PHE A 143 1.76 -7.16 15.56
N ILE A 144 1.62 -7.62 14.32
CA ILE A 144 1.50 -9.05 14.05
C ILE A 144 2.84 -9.54 13.53
N THR A 145 3.32 -10.67 14.06
CA THR A 145 4.67 -11.09 13.72
C THR A 145 4.71 -11.79 12.38
N ARG A 146 5.85 -11.59 11.72
CA ARG A 146 6.13 -12.24 10.44
C ARG A 146 6.08 -13.76 10.59
N GLU A 147 6.64 -14.29 11.68
CA GLU A 147 6.62 -15.73 11.90
C GLU A 147 5.20 -16.24 12.10
N PHE A 148 4.33 -15.49 12.79
CA PHE A 148 2.96 -15.96 12.95
C PHE A 148 2.26 -16.04 11.61
N LEU A 149 2.45 -15.03 10.75
CA LEU A 149 1.80 -15.10 9.45
C LEU A 149 2.32 -16.27 8.62
N LYS A 150 3.62 -16.58 8.73
CA LYS A 150 4.20 -17.76 8.06
C LYS A 150 3.64 -19.06 8.59
N SER A 151 3.13 -19.07 9.82
CA SER A 151 2.65 -20.29 10.44
C SER A 151 1.24 -20.65 10.03
N LEU A 152 0.53 -19.76 9.34
CA LEU A 152 -0.86 -20.01 8.99
C LEU A 152 -0.96 -21.17 8.02
N ARG A 153 -2.15 -21.77 7.94
CA ARG A 153 -2.27 -22.82 6.94
C ARG A 153 -2.22 -22.26 5.53
N LYS A 154 -1.70 -23.09 4.63
CA LYS A 154 -1.72 -22.78 3.20
C LYS A 154 -3.16 -22.60 2.77
N PRO A 155 -3.47 -21.64 1.90
CA PRO A 155 -2.55 -20.74 1.21
C PRO A 155 -2.26 -19.42 1.94
N PHE A 156 -2.85 -19.26 3.12
CA PHE A 156 -2.85 -17.95 3.74
C PHE A 156 -1.48 -17.54 4.25
N CYS A 157 -0.62 -18.51 4.58
CA CYS A 157 0.77 -18.19 4.93
C CYS A 157 1.59 -17.63 3.76
N ASP A 158 1.06 -17.69 2.54
CA ASP A 158 1.82 -17.24 1.40
C ASP A 158 1.48 -15.80 1.02
N ILE A 159 0.56 -15.15 1.73
CA ILE A 159 0.16 -13.79 1.36
C ILE A 159 1.25 -12.78 1.70
N MET A 160 1.69 -12.76 2.95
CA MET A 160 2.48 -11.62 3.41
C MET A 160 3.96 -11.76 3.17
N GLU A 161 4.51 -12.99 3.15
CA GLU A 161 5.96 -13.12 3.09
C GLU A 161 6.61 -12.40 1.91
N PRO A 162 6.08 -12.48 0.66
CA PRO A 162 6.72 -11.75 -0.44
C PRO A 162 6.69 -10.24 -0.22
N LYS A 163 5.68 -9.74 0.53
CA LYS A 163 5.61 -8.32 0.81
C LYS A 163 6.66 -7.92 1.84
N PHE A 164 6.90 -8.76 2.85
CA PHE A 164 8.04 -8.51 3.74
C PHE A 164 9.36 -8.52 2.94
N ASP A 165 9.51 -9.47 2.02
CA ASP A 165 10.77 -9.54 1.26
C ASP A 165 10.97 -8.24 0.47
N PHE A 166 9.91 -7.77 -0.18
CA PHE A 166 10.02 -6.51 -0.89
C PHE A 166 10.36 -5.38 0.08
N ALA A 167 9.68 -5.35 1.21
CA ALA A 167 9.81 -4.22 2.14
C ALA A 167 11.20 -4.17 2.76
N MET A 168 11.85 -5.31 3.02
CA MET A 168 13.15 -5.21 3.68
C MET A 168 14.13 -4.49 2.78
N LYS A 169 14.08 -4.78 1.50
CA LYS A 169 14.99 -4.13 0.57
C LYS A 169 14.53 -2.71 0.30
N PHE A 170 13.21 -2.47 0.19
CA PHE A 170 12.75 -1.11 0.00
C PHE A 170 13.14 -0.22 1.19
N ASN A 171 12.97 -0.72 2.41
CA ASN A 171 13.31 0.07 3.59
C ASN A 171 14.81 0.35 3.68
N ALA A 172 15.65 -0.49 3.09
CA ALA A 172 17.08 -0.24 3.12
C ALA A 172 17.48 0.96 2.26
N LEU A 173 16.61 1.42 1.37
CA LEU A 173 16.85 2.67 0.64
C LEU A 173 16.72 3.90 1.52
N GLU A 174 16.12 3.77 2.68
CA GLU A 174 16.03 4.85 3.65
C GLU A 174 15.28 6.06 3.09
N LEU A 175 14.19 5.80 2.38
CA LEU A 175 13.31 6.88 1.94
C LEU A 175 12.60 7.47 3.15
N ASP A 176 12.21 8.75 3.02
CA ASP A 176 11.29 9.35 3.97
C ASP A 176 9.96 9.61 3.28
N ASP A 177 9.01 10.17 4.04
CA ASP A 177 7.67 10.38 3.52
C ASP A 177 7.65 11.37 2.37
N SER A 178 8.57 12.34 2.36
CA SER A 178 8.62 13.24 1.20
C SER A 178 8.97 12.49 -0.08
N ASP A 179 9.81 11.45 0.02
CA ASP A 179 10.14 10.66 -1.15
C ASP A 179 8.98 9.71 -1.47
N ILE A 180 8.44 9.04 -0.44
CA ILE A 180 7.42 8.00 -0.67
C ILE A 180 6.17 8.62 -1.28
N SER A 181 5.83 9.84 -0.86
CA SER A 181 4.64 10.49 -1.41
C SER A 181 4.75 10.65 -2.93
N LEU A 182 5.93 11.07 -3.41
CA LEU A 182 6.14 11.25 -4.84
C LEU A 182 6.25 9.93 -5.56
N PHE A 183 6.82 8.89 -4.91
CA PHE A 183 6.90 7.58 -5.53
C PHE A 183 5.49 7.01 -5.73
N VAL A 184 4.61 7.16 -4.73
CA VAL A 184 3.20 6.76 -4.86
C VAL A 184 2.49 7.53 -5.96
N ALA A 185 2.74 8.85 -6.06
CA ALA A 185 2.14 9.59 -7.16
C ALA A 185 2.63 9.06 -8.51
N ALA A 186 3.92 8.74 -8.61
CA ALA A 186 4.45 8.25 -9.87
C ALA A 186 3.87 6.88 -10.21
N ILE A 187 3.66 6.01 -9.21
CA ILE A 187 3.00 4.72 -9.47
C ILE A 187 1.64 4.93 -10.12
N ILE A 188 0.87 5.88 -9.60
CA ILE A 188 -0.49 6.07 -10.10
C ILE A 188 -0.46 6.54 -11.56
N CYS A 189 0.57 7.31 -11.94
CA CYS A 189 0.61 7.92 -13.28
C CYS A 189 1.43 7.07 -14.23
N CYS A 190 0.88 5.94 -14.66
CA CYS A 190 1.57 5.07 -15.62
C CYS A 190 0.75 5.07 -16.89
N GLY A 191 1.38 5.49 -17.99
CA GLY A 191 0.66 5.56 -19.25
C GLY A 191 0.46 4.23 -19.95
N ASP A 192 1.08 3.17 -19.46
CA ASP A 192 0.95 1.88 -20.12
C ASP A 192 -0.08 0.97 -19.47
N ARG A 193 -0.94 1.47 -18.61
CA ARG A 193 -1.96 0.61 -18.03
C ARG A 193 -2.91 0.15 -19.12
N PRO A 194 -3.39 -1.08 -19.04
CA PRO A 194 -4.32 -1.57 -20.07
C PRO A 194 -5.62 -0.78 -20.07
N GLY A 195 -6.12 -0.47 -21.26
CA GLY A 195 -7.44 0.12 -21.40
C GLY A 195 -7.52 1.63 -21.27
N LEU A 196 -6.41 2.32 -21.17
CA LEU A 196 -6.50 3.76 -21.04
C LEU A 196 -6.92 4.38 -22.37
N LEU A 197 -7.67 5.47 -22.28
CA LEU A 197 -8.20 6.18 -23.43
C LEU A 197 -7.27 7.29 -23.88
N ASN A 198 -6.92 8.17 -22.95
CA ASN A 198 -6.09 9.31 -23.29
C ASN A 198 -4.64 9.07 -22.87
N VAL A 199 -4.03 8.10 -23.57
CA VAL A 199 -2.67 7.73 -23.24
C VAL A 199 -1.75 8.94 -23.32
N GLY A 200 -1.93 9.80 -24.32
CA GLY A 200 -0.98 10.88 -24.47
C GLY A 200 -0.96 11.82 -23.29
N HIS A 201 -2.13 12.21 -22.82
CA HIS A 201 -2.17 13.12 -21.67
C HIS A 201 -1.66 12.44 -20.42
N ILE A 202 -1.94 11.15 -20.26
CA ILE A 202 -1.41 10.43 -19.11
C ILE A 202 0.10 10.34 -19.17
N GLU A 203 0.66 10.09 -20.36
CA GLU A 203 2.12 10.07 -20.46
C GLU A 203 2.74 11.42 -20.08
N LYS A 204 2.08 12.53 -20.43
N LYS A 204 2.10 12.53 -20.45
CA LYS A 204 2.61 13.83 -20.02
CA LYS A 204 2.64 13.82 -20.05
C LYS A 204 2.46 14.04 -18.52
C LYS A 204 2.54 14.01 -18.54
N MET A 205 1.36 13.54 -17.95
N MET A 205 1.41 13.60 -17.95
CA MET A 205 1.21 13.60 -16.50
CA MET A 205 1.28 13.65 -16.50
C MET A 205 2.31 12.79 -15.82
C MET A 205 2.34 12.80 -15.83
N GLN A 206 2.57 11.59 -16.35
CA GLN A 206 3.66 10.75 -15.85
C GLN A 206 5.01 11.44 -15.97
N GLU A 207 5.33 11.98 -17.15
CA GLU A 207 6.61 12.65 -17.29
C GLU A 207 6.77 13.78 -16.26
N GLY A 208 5.70 14.53 -16.01
CA GLY A 208 5.81 15.63 -15.08
C GLY A 208 6.06 15.17 -13.65
N ILE A 209 5.32 14.15 -13.21
N ILE A 209 5.30 14.15 -13.20
CA ILE A 209 5.49 13.76 -11.82
CA ILE A 209 5.47 13.70 -11.82
C ILE A 209 6.81 13.02 -11.63
C ILE A 209 6.83 13.04 -11.65
N VAL A 210 7.26 12.28 -12.66
CA VAL A 210 8.55 11.61 -12.56
C VAL A 210 9.67 12.65 -12.54
N HIS A 211 9.50 13.75 -13.28
CA HIS A 211 10.47 14.82 -13.20
C HIS A 211 10.55 15.40 -11.78
N VAL A 212 9.39 15.67 -11.16
CA VAL A 212 9.36 16.14 -9.77
C VAL A 212 10.08 15.13 -8.85
N LEU A 213 9.78 13.84 -9.04
CA LEU A 213 10.43 12.79 -8.24
C LEU A 213 11.93 12.77 -8.41
N ARG A 214 12.39 12.82 -9.66
N ARG A 214 12.39 12.83 -9.65
CA ARG A 214 13.81 12.79 -9.97
CA ARG A 214 13.83 12.76 -9.92
C ARG A 214 14.53 13.95 -9.30
C ARG A 214 14.56 13.96 -9.30
N LEU A 215 14.01 15.16 -9.45
CA LEU A 215 14.67 16.33 -8.86
C LEU A 215 14.64 16.27 -7.34
N HIS A 216 13.53 15.81 -6.77
CA HIS A 216 13.47 15.70 -5.32
C HIS A 216 14.50 14.71 -4.78
N LEU A 217 14.60 13.52 -5.42
CA LEU A 217 15.58 12.53 -4.95
C LEU A 217 17.00 13.05 -5.05
N GLN A 218 17.28 13.78 -6.14
CA GLN A 218 18.60 14.39 -6.31
C GLN A 218 18.93 15.30 -5.13
N SER A 219 17.97 16.10 -4.69
N SER A 219 17.96 16.09 -4.69
CA SER A 219 18.19 17.03 -3.58
CA SER A 219 18.12 17.06 -3.60
C SER A 219 18.22 16.31 -2.24
C SER A 219 18.13 16.38 -2.23
N ASN A 220 17.27 15.39 -2.02
CA ASN A 220 17.08 14.83 -0.70
C ASN A 220 18.03 13.68 -0.41
N HIS A 221 18.59 13.08 -1.44
CA HIS A 221 19.48 11.94 -1.31
C HIS A 221 20.76 12.16 -2.12
N PRO A 222 21.54 13.19 -1.79
CA PRO A 222 22.78 13.45 -2.55
C PRO A 222 23.77 12.32 -2.43
N ASP A 223 23.64 11.47 -1.42
CA ASP A 223 24.56 10.38 -1.17
C ASP A 223 24.29 9.15 -2.03
N ASP A 224 23.16 9.08 -2.76
CA ASP A 224 22.80 7.85 -3.48
C ASP A 224 22.44 8.29 -4.90
N ILE A 225 23.45 8.36 -5.79
CA ILE A 225 23.20 8.92 -7.11
C ILE A 225 22.39 8.00 -7.99
N PHE A 226 22.23 6.74 -7.61
CA PHE A 226 21.41 5.81 -8.37
C PHE A 226 20.02 5.65 -7.76
N LEU A 227 19.62 6.50 -6.83
CA LEU A 227 18.33 6.22 -6.17
C LEU A 227 17.16 6.28 -7.15
N PHE A 228 17.15 7.23 -8.08
CA PHE A 228 16.04 7.30 -9.03
C PHE A 228 15.93 6.02 -9.86
N PRO A 229 16.99 5.53 -10.54
CA PRO A 229 16.83 4.26 -11.26
C PRO A 229 16.49 3.09 -10.33
N LYS A 230 17.01 3.08 -9.08
CA LYS A 230 16.57 2.03 -8.15
C LYS A 230 15.06 2.05 -7.99
N LEU A 231 14.49 3.26 -7.86
CA LEU A 231 13.04 3.36 -7.67
C LEU A 231 12.26 3.01 -8.92
N LEU A 232 12.77 3.35 -10.11
CA LEU A 232 12.13 2.85 -11.31
C LEU A 232 12.05 1.33 -11.34
N GLN A 233 13.16 0.67 -10.95
CA GLN A 233 13.14 -0.79 -10.85
C GLN A 233 12.16 -1.25 -9.79
N LYS A 234 12.11 -0.55 -8.65
CA LYS A 234 11.10 -0.98 -7.65
C LYS A 234 9.70 -0.92 -8.20
N MET A 235 9.38 0.06 -9.06
CA MET A 235 8.04 0.12 -9.65
C MET A 235 7.77 -1.12 -10.50
N ALA A 236 8.76 -1.56 -11.28
CA ALA A 236 8.57 -2.77 -12.04
C ALA A 236 8.45 -3.99 -11.11
N ASP A 237 9.26 -4.02 -10.04
CA ASP A 237 9.14 -5.14 -9.10
C ASP A 237 7.75 -5.15 -8.48
N LEU A 238 7.19 -3.98 -8.18
CA LEU A 238 5.85 -3.92 -7.59
C LEU A 238 4.78 -4.44 -8.56
N ARG A 239 4.92 -4.15 -9.85
CA ARG A 239 3.96 -4.68 -10.81
C ARG A 239 3.98 -6.19 -10.79
N GLN A 240 5.18 -6.78 -10.71
N GLN A 240 5.18 -6.79 -10.72
CA GLN A 240 5.25 -8.23 -10.67
CA GLN A 240 5.25 -8.24 -10.67
C GLN A 240 4.70 -8.77 -9.35
C GLN A 240 4.68 -8.76 -9.35
N LEU A 241 5.00 -8.09 -8.22
CA LEU A 241 4.44 -8.51 -6.95
C LEU A 241 2.91 -8.51 -6.97
N VAL A 242 2.32 -7.51 -7.60
CA VAL A 242 0.87 -7.42 -7.70
C VAL A 242 0.32 -8.52 -8.59
N THR A 243 0.95 -8.77 -9.74
CA THR A 243 0.48 -9.86 -10.60
C THR A 243 0.44 -11.16 -9.81
N GLU A 244 1.53 -11.44 -9.07
CA GLU A 244 1.56 -12.65 -8.28
C GLU A 244 0.52 -12.65 -7.16
N HIS A 245 0.36 -11.49 -6.50
CA HIS A 245 -0.64 -11.41 -5.45
C HIS A 245 -2.04 -11.66 -5.98
N ALA A 246 -2.38 -11.10 -7.14
CA ALA A 246 -3.70 -11.32 -7.72
C ALA A 246 -3.91 -12.79 -8.03
N GLN A 247 -2.86 -13.49 -8.47
CA GLN A 247 -2.97 -14.91 -8.76
C GLN A 247 -3.29 -15.69 -7.49
N LEU A 248 -2.62 -15.36 -6.37
CA LEU A 248 -2.91 -16.02 -5.11
C LEU A 248 -4.33 -15.70 -4.65
N VAL A 249 -4.76 -14.46 -4.79
CA VAL A 249 -6.12 -14.12 -4.39
C VAL A 249 -7.12 -14.96 -5.18
N GLN A 250 -6.86 -15.18 -6.47
CA GLN A 250 -7.77 -16.01 -7.28
C GLN A 250 -7.78 -17.45 -6.81
N ILE A 251 -6.64 -17.99 -6.38
CA ILE A 251 -6.62 -19.33 -5.79
C ILE A 251 -7.49 -19.35 -4.55
N ILE A 252 -7.32 -18.37 -3.66
CA ILE A 252 -8.14 -18.32 -2.46
C ILE A 252 -9.63 -18.26 -2.84
N LYS A 253 -9.98 -17.43 -3.81
CA LYS A 253 -11.38 -17.30 -4.23
C LYS A 253 -11.94 -18.64 -4.72
N LYS A 254 -11.16 -19.38 -5.52
CA LYS A 254 -11.65 -20.64 -6.09
C LYS A 254 -11.74 -21.75 -5.05
N THR A 255 -10.88 -21.72 -4.03
CA THR A 255 -10.65 -22.89 -3.20
C THR A 255 -11.10 -22.70 -1.75
N GLU A 256 -11.39 -21.47 -1.33
CA GLU A 256 -11.73 -21.16 0.07
C GLU A 256 -13.10 -20.49 0.09
N SER A 257 -14.14 -21.29 0.31
CA SER A 257 -15.51 -20.80 0.19
C SER A 257 -15.88 -19.74 1.24
N ASP A 258 -15.20 -19.72 2.38
CA ASP A 258 -15.51 -18.74 3.44
C ASP A 258 -14.79 -17.42 3.29
N ALA A 259 -13.83 -17.32 2.38
CA ALA A 259 -12.97 -16.14 2.27
C ALA A 259 -13.58 -15.17 1.27
N ALA A 260 -14.71 -14.60 1.69
CA ALA A 260 -15.44 -13.68 0.83
C ALA A 260 -14.58 -12.49 0.47
N LEU A 261 -14.56 -12.16 -0.83
CA LEU A 261 -13.86 -10.97 -1.32
C LEU A 261 -14.79 -9.77 -1.30
N HIS A 262 -14.32 -8.68 -0.68
CA HIS A 262 -15.08 -7.44 -0.66
C HIS A 262 -15.35 -6.94 -2.08
N PRO A 263 -16.54 -6.41 -2.36
CA PRO A 263 -16.88 -6.10 -3.77
C PRO A 263 -16.00 -5.03 -4.38
N LEU A 264 -15.47 -4.08 -3.60
CA LEU A 264 -14.60 -3.09 -4.19
C LEU A 264 -13.32 -3.74 -4.69
N LEU A 265 -12.81 -4.71 -3.92
CA LEU A 265 -11.58 -5.36 -4.32
C LEU A 265 -11.82 -6.33 -5.45
N GLN A 266 -12.96 -7.01 -5.44
N GLN A 266 -12.97 -7.02 -5.44
CA GLN A 266 -13.32 -7.85 -6.57
CA GLN A 266 -13.34 -7.85 -6.58
C GLN A 266 -13.30 -7.05 -7.87
C GLN A 266 -13.31 -7.05 -7.87
N GLU A 267 -13.83 -5.82 -7.84
CA GLU A 267 -13.83 -4.99 -9.03
C GLU A 267 -12.42 -4.59 -9.43
N ILE A 268 -11.57 -4.25 -8.45
CA ILE A 268 -10.17 -3.96 -8.78
C ILE A 268 -9.53 -5.14 -9.49
N TYR A 269 -9.70 -6.35 -8.94
CA TYR A 269 -9.03 -7.50 -9.53
C TYR A 269 -9.63 -7.93 -10.85
N ARG A 270 -10.89 -7.60 -11.13
CA ARG A 270 -11.55 -8.15 -12.32
C ARG A 270 -10.90 -7.60 -13.60
N ASP A 271 -10.43 -8.51 -14.46
CA ASP A 271 -9.82 -8.13 -15.73
C ASP A 271 -8.51 -7.40 -15.52
N MET A 272 -7.90 -7.52 -14.35
CA MET A 272 -6.67 -6.79 -14.11
C MET A 272 -5.50 -7.42 -14.86
N TYR A 273 -5.15 -8.66 -14.52
CA TYR A 273 -4.02 -9.33 -15.17
C TYR A 273 -4.42 -10.68 -15.72
#